data_6IQN
#
_entry.id   6IQN
#
_cell.length_a   90.838
_cell.length_b   90.838
_cell.length_c   197.107
_cell.angle_alpha   90.00
_cell.angle_beta   90.00
_cell.angle_gamma   90.00
#
_symmetry.space_group_name_H-M   'P 41 21 2'
#
loop_
_entity.id
_entity.type
_entity.pdbx_description
1 polymer 'High affinity nerve growth factor receptor'
2 non-polymer '4-[[4-azanyl-3-(4-cyclohexylpiperazin-1-yl)-9,10-bis(oxidanylidene)anthracen-1-yl]amino]benzoic acid'
3 water water
#
_entity_poly.entity_id   1
_entity_poly.type   'polypeptide(L)'
_entity_poly.pdbx_seq_one_letter_code
;SVHHIKRRDIVLKWELGEGAFGKVFLAECHNLLPEQDKMLVAVKALKEASESARQDFQREAELLTMLQHQHIVRFFGVCT
EGRPLLMVFEYMRHGDLNRFLRSHGPDAKLLAGGEDVAPGPLGLGQLLAVASQVAAGMVYLAGLHFVHRDLATRNCLVGQ
GLVVKIGDFGMSRDIYSTDYYRVGGRTMLPIRWMPPESILYRKFTTESDVWSFGVVLWEIFTYGKQPWYQLSNTEAIDCI
TQGRELERPRACPPEVYAIMRGCWQREPQQRHSIKDVHARLQALAQAPPVYLDVLG
;
_entity_poly.pdbx_strand_id   A,B
#
# COMPACT_ATOMS: atom_id res chain seq x y z
N SER A 1 -1.28 -34.40 12.99
CA SER A 1 -2.78 -34.28 12.77
C SER A 1 -3.37 -33.17 13.70
N VAL A 2 -4.47 -32.56 13.23
CA VAL A 2 -4.93 -31.24 13.68
C VAL A 2 -5.67 -31.27 15.04
N HIS A 3 -5.28 -30.41 15.98
CA HIS A 3 -6.04 -30.27 17.21
C HIS A 3 -7.36 -29.51 16.93
N HIS A 4 -8.49 -30.15 17.21
CA HIS A 4 -9.81 -29.56 17.18
C HIS A 4 -10.13 -28.94 18.56
N ILE A 5 -10.62 -27.70 18.58
CA ILE A 5 -11.14 -26.96 19.73
C ILE A 5 -12.70 -26.87 19.65
N LYS A 6 -13.39 -26.88 20.79
CA LYS A 6 -14.84 -26.71 20.88
C LYS A 6 -15.11 -25.21 20.80
N ARG A 7 -16.25 -24.83 20.19
CA ARG A 7 -16.61 -23.43 19.94
C ARG A 7 -16.99 -22.72 21.24
N ARG A 8 -17.72 -23.41 22.12
CA ARG A 8 -18.06 -22.87 23.46
C ARG A 8 -16.87 -22.37 24.28
N ASP A 9 -15.69 -22.95 24.01
CA ASP A 9 -14.40 -22.56 24.65
C ASP A 9 -13.83 -21.25 24.13
N ILE A 10 -14.13 -20.93 22.88
CA ILE A 10 -13.68 -19.68 22.19
C ILE A 10 -14.74 -18.63 22.36
N VAL A 11 -14.45 -17.51 23.01
CA VAL A 11 -15.35 -16.38 23.10
C VAL A 11 -14.66 -15.17 22.49
N LEU A 12 -15.35 -14.55 21.50
CA LEU A 12 -14.84 -13.41 20.76
C LEU A 12 -14.89 -12.19 21.60
N LYS A 13 -13.94 -11.28 21.45
CA LYS A 13 -13.83 -10.07 22.27
C LYS A 13 -14.00 -8.85 21.38
N TRP A 14 -13.14 -8.69 20.39
CA TRP A 14 -13.34 -7.69 19.33
C TRP A 14 -12.57 -8.07 18.08
N GLU A 15 -12.99 -7.48 16.98
CA GLU A 15 -12.37 -7.65 15.69
C GLU A 15 -11.01 -6.89 15.63
N LEU A 16 -9.98 -7.49 15.07
CA LEU A 16 -8.63 -6.85 14.94
C LEU A 16 -8.35 -6.28 13.54
N GLY A 17 -8.83 -7.04 12.56
CA GLY A 17 -8.76 -6.70 11.17
C GLY A 17 -9.51 -7.69 10.33
N GLU A 18 -9.48 -7.43 9.02
CA GLU A 18 -10.10 -8.30 8.02
C GLU A 18 -9.12 -8.59 6.90
N GLY A 19 -8.77 -9.86 6.72
CA GLY A 19 -7.85 -10.28 5.68
C GLY A 19 -8.64 -10.83 4.53
N ALA A 20 -7.90 -11.34 3.53
CA ALA A 20 -8.47 -12.13 2.43
C ALA A 20 -9.20 -13.33 2.97
N PHE A 21 -8.65 -13.94 4.02
CA PHE A 21 -9.22 -15.12 4.72
C PHE A 21 -10.68 -14.92 5.18
N GLY A 22 -10.96 -13.73 5.70
CA GLY A 22 -12.12 -13.44 6.56
C GLY A 22 -11.66 -12.58 7.73
N LYS A 23 -12.54 -12.31 8.68
CA LYS A 23 -12.23 -11.51 9.86
C LYS A 23 -11.23 -12.24 10.82
N VAL A 24 -10.44 -11.43 11.56
CA VAL A 24 -9.61 -11.84 12.64
C VAL A 24 -10.05 -11.13 13.90
N PHE A 25 -10.23 -11.92 14.94
CA PHE A 25 -10.72 -11.50 16.27
C PHE A 25 -9.65 -11.76 17.37
N LEU A 26 -9.60 -10.86 18.35
CA LEU A 26 -9.16 -11.14 19.68
C LEU A 26 -10.19 -12.04 20.37
N ALA A 27 -9.74 -13.04 21.11
CA ALA A 27 -10.63 -13.92 21.87
C ALA A 27 -9.92 -14.46 23.14
N GLU A 28 -10.74 -14.77 24.15
CA GLU A 28 -10.40 -15.69 25.18
C GLU A 28 -10.66 -17.09 24.64
N CYS A 29 -9.70 -18.02 24.86
CA CYS A 29 -9.88 -19.49 24.71
C CYS A 29 -9.68 -20.24 26.07
N HIS A 30 -10.62 -21.09 26.46
CA HIS A 30 -10.54 -21.98 27.64
C HIS A 30 -10.10 -23.38 27.24
N ASN A 31 -9.45 -24.10 28.17
CA ASN A 31 -9.06 -25.52 27.96
C ASN A 31 -8.06 -25.69 26.85
N LEU A 32 -7.22 -24.68 26.62
CA LEU A 32 -6.21 -24.79 25.59
C LEU A 32 -4.85 -25.23 26.16
N LEU A 33 -4.45 -24.60 27.29
CA LEU A 33 -3.27 -24.93 28.13
C LEU A 33 -3.62 -24.69 29.65
N PRO A 34 -2.68 -25.00 30.63
CA PRO A 34 -2.91 -24.66 32.08
C PRO A 34 -3.29 -23.20 32.38
N LYS A 38 -7.86 -19.98 30.92
CA LYS A 38 -8.35 -19.00 29.94
C LYS A 38 -7.22 -18.05 29.55
N MET A 39 -6.98 -17.91 28.25
CA MET A 39 -5.93 -17.04 27.69
C MET A 39 -6.39 -16.39 26.35
N LEU A 40 -5.69 -15.34 25.93
CA LEU A 40 -5.96 -14.53 24.76
C LEU A 40 -5.27 -15.08 23.53
N VAL A 41 -6.02 -15.18 22.43
CA VAL A 41 -5.57 -15.75 21.18
C VAL A 41 -6.18 -14.87 20.07
N ALA A 42 -5.65 -15.02 18.87
CA ALA A 42 -6.20 -14.51 17.67
C ALA A 42 -6.90 -15.68 16.99
N VAL A 43 -8.17 -15.45 16.61
CA VAL A 43 -9.00 -16.38 15.84
C VAL A 43 -9.21 -15.85 14.41
N LYS A 44 -8.73 -16.54 13.39
CA LYS A 44 -9.11 -16.29 12.02
C LYS A 44 -10.45 -16.92 11.75
N ALA A 45 -11.36 -16.24 11.05
CA ALA A 45 -12.71 -16.79 10.68
C ALA A 45 -12.78 -16.87 9.18
N LEU A 46 -12.97 -18.09 8.64
CA LEU A 46 -13.03 -18.34 7.20
C LEU A 46 -14.32 -17.78 6.63
N LYS A 47 -14.19 -16.81 5.73
CA LYS A 47 -15.27 -16.32 4.86
C LYS A 47 -15.41 -17.34 3.70
N GLU A 48 -16.63 -17.76 3.36
CA GLU A 48 -16.91 -18.61 2.15
C GLU A 48 -16.82 -20.08 2.46
N SER A 52 -15.36 -26.68 -1.88
CA SER A 52 -15.38 -25.32 -1.40
C SER A 52 -13.94 -24.97 -0.90
N ALA A 53 -13.79 -23.81 -0.24
CA ALA A 53 -12.60 -23.41 0.53
C ALA A 53 -12.49 -24.16 1.89
N ARG A 54 -13.43 -25.08 2.11
CA ARG A 54 -13.33 -26.20 3.05
C ARG A 54 -12.04 -26.99 2.87
N GLN A 55 -11.71 -27.30 1.62
CA GLN A 55 -10.57 -28.17 1.29
C GLN A 55 -9.24 -27.40 1.44
N ASP A 56 -9.25 -26.10 1.07
CA ASP A 56 -8.14 -25.14 1.29
C ASP A 56 -7.85 -24.90 2.76
N PHE A 57 -8.80 -25.27 3.61
CA PHE A 57 -8.74 -25.04 5.05
C PHE A 57 -8.12 -26.22 5.78
N GLN A 58 -8.58 -27.43 5.47
CA GLN A 58 -8.01 -28.66 6.07
C GLN A 58 -6.53 -28.83 5.70
N ARG A 59 -6.17 -28.55 4.44
CA ARG A 59 -4.79 -28.62 3.96
C ARG A 59 -3.92 -27.58 4.62
N GLU A 60 -4.43 -26.34 4.74
CA GLU A 60 -3.68 -25.27 5.44
C GLU A 60 -3.47 -25.60 6.91
N ALA A 61 -4.51 -26.14 7.54
CA ALA A 61 -4.50 -26.52 8.95
C ALA A 61 -3.50 -27.63 9.24
N GLU A 62 -3.38 -28.59 8.33
CA GLU A 62 -2.38 -29.65 8.44
C GLU A 62 -0.93 -29.10 8.42
N LEU A 63 -0.68 -28.23 7.45
CA LEU A 63 0.59 -27.52 7.28
C LEU A 63 1.00 -26.76 8.56
N LEU A 64 0.07 -26.02 9.16
CA LEU A 64 0.34 -25.21 10.33
C LEU A 64 0.59 -26.02 11.60
N THR A 65 -0.07 -27.18 11.70
CA THR A 65 0.23 -28.20 12.72
C THR A 65 1.69 -28.75 12.54
N MET A 66 2.13 -28.85 11.28
CA MET A 66 3.39 -29.37 10.86
C MET A 66 4.53 -28.39 11.20
N LEU A 67 4.31 -27.07 11.06
CA LEU A 67 5.37 -26.04 11.19
C LEU A 67 5.42 -25.44 12.59
N GLN A 68 6.19 -26.06 13.48
CA GLN A 68 6.47 -25.59 14.85
C GLN A 68 7.89 -25.00 14.91
N HIS A 69 7.98 -23.72 15.29
CA HIS A 69 9.25 -23.03 15.51
C HIS A 69 9.06 -21.74 16.34
N GLN A 70 10.08 -21.28 17.03
CA GLN A 70 10.00 -20.06 17.85
C GLN A 70 9.61 -18.82 17.06
N HIS A 71 9.88 -18.80 15.75
CA HIS A 71 9.62 -17.67 14.86
C HIS A 71 8.64 -18.00 13.76
N ILE A 72 7.70 -18.90 14.05
CA ILE A 72 6.47 -19.10 13.30
C ILE A 72 5.37 -18.92 14.35
N VAL A 73 4.41 -18.04 14.08
CA VAL A 73 3.22 -17.87 14.97
C VAL A 73 2.70 -19.21 15.44
N ARG A 74 2.53 -19.33 16.73
CA ARG A 74 1.95 -20.50 17.28
C ARG A 74 0.51 -20.66 16.73
N PHE A 75 0.31 -21.82 16.08
CA PHE A 75 -0.94 -22.34 15.70
C PHE A 75 -1.41 -23.36 16.73
N PHE A 76 -2.51 -23.04 17.41
CA PHE A 76 -3.15 -23.90 18.41
C PHE A 76 -4.22 -24.84 17.85
N GLY A 77 -4.62 -24.72 16.60
CA GLY A 77 -5.60 -25.64 16.01
C GLY A 77 -6.82 -24.92 15.45
N VAL A 78 -7.91 -25.69 15.22
CA VAL A 78 -9.08 -25.25 14.48
C VAL A 78 -10.38 -25.55 15.25
N CYS A 79 -11.47 -24.86 14.90
CA CYS A 79 -12.83 -25.17 15.38
C CYS A 79 -13.76 -25.37 14.18
N THR A 80 -14.42 -26.51 14.12
CA THR A 80 -15.20 -26.93 12.97
C THR A 80 -16.59 -27.36 13.37
N GLU A 81 -17.00 -27.02 14.61
CA GLU A 81 -18.39 -27.06 15.07
C GLU A 81 -18.92 -25.62 15.08
N GLY A 82 -20.13 -25.43 14.51
CA GLY A 82 -20.70 -24.10 14.23
C GLY A 82 -19.85 -23.32 13.21
N ARG A 83 -20.43 -22.28 12.59
CA ARG A 83 -19.82 -21.52 11.49
C ARG A 83 -19.61 -20.06 11.93
N PRO A 84 -18.63 -19.38 11.35
CA PRO A 84 -17.72 -19.92 10.32
C PRO A 84 -16.70 -20.90 10.87
N LEU A 85 -15.87 -21.42 9.99
CA LEU A 85 -14.67 -22.23 10.39
C LEU A 85 -13.60 -21.34 10.98
N LEU A 86 -13.09 -21.71 12.16
CA LEU A 86 -12.05 -20.93 12.90
C LEU A 86 -10.67 -21.56 12.86
N MET A 87 -9.64 -20.70 12.78
CA MET A 87 -8.26 -21.03 13.04
C MET A 87 -7.76 -20.24 14.20
N VAL A 88 -7.12 -20.90 15.18
CA VAL A 88 -6.75 -20.26 16.46
C VAL A 88 -5.21 -20.22 16.61
N PHE A 89 -4.71 -19.00 16.79
CA PHE A 89 -3.31 -18.67 16.86
C PHE A 89 -3.08 -17.80 18.11
N GLU A 90 -1.84 -17.71 18.59
CA GLU A 90 -1.48 -16.76 19.66
C GLU A 90 -1.69 -15.29 19.22
N TYR A 91 -2.06 -14.45 20.16
CA TYR A 91 -2.19 -13.02 19.94
C TYR A 91 -0.82 -12.41 19.88
N MET A 92 -0.47 -11.78 18.79
CA MET A 92 0.72 -11.00 18.60
C MET A 92 0.37 -9.52 18.69
N ARG A 93 0.43 -9.01 19.90
CA ARG A 93 -0.11 -7.68 20.32
C ARG A 93 0.10 -6.46 19.43
N HIS A 94 1.23 -6.36 18.77
CA HIS A 94 1.59 -5.19 17.96
C HIS A 94 1.14 -5.38 16.52
N GLY A 95 0.61 -6.55 16.20
CA GLY A 95 0.13 -6.75 14.88
C GLY A 95 1.24 -7.01 13.89
N ASP A 96 1.02 -6.64 12.63
CA ASP A 96 1.90 -7.07 11.55
C ASP A 96 3.03 -6.11 11.47
N LEU A 97 4.15 -6.59 10.91
CA LEU A 97 5.43 -5.88 10.99
C LEU A 97 5.43 -4.68 10.15
N ASN A 98 4.78 -4.74 9.01
CA ASN A 98 4.76 -3.59 8.08
C ASN A 98 4.16 -2.38 8.75
N ARG A 99 2.98 -2.49 9.37
CA ARG A 99 2.35 -1.30 9.94
C ARG A 99 3.12 -0.93 11.26
N PHE A 100 3.64 -1.92 11.97
CA PHE A 100 4.59 -1.69 13.13
C PHE A 100 5.81 -0.82 12.72
N LEU A 101 6.50 -1.23 11.64
CA LEU A 101 7.55 -0.43 11.07
C LEU A 101 7.14 0.97 10.74
N ARG A 102 6.02 1.11 10.01
CA ARG A 102 5.56 2.40 9.53
C ARG A 102 5.15 3.29 10.66
N SER A 103 4.53 2.69 11.67
CA SER A 103 4.16 3.36 12.90
C SER A 103 5.39 3.90 13.61
N HIS A 104 6.58 3.29 13.43
CA HIS A 104 7.83 3.76 14.08
C HIS A 104 8.71 4.57 13.13
N GLY A 105 8.18 4.94 11.95
CA GLY A 105 8.97 5.76 10.99
C GLY A 105 9.38 7.11 11.52
N PRO A 106 10.31 7.81 10.86
CA PRO A 106 10.95 8.97 11.47
C PRO A 106 10.01 10.11 11.86
N ASP A 107 9.01 10.34 11.02
CA ASP A 107 7.89 11.33 11.28
C ASP A 107 6.58 10.65 11.56
N ALA A 108 6.59 9.39 11.99
CA ALA A 108 5.35 8.60 12.15
C ALA A 108 4.83 8.96 13.53
N LYS A 109 3.82 8.25 14.04
CA LYS A 109 3.14 8.63 15.25
C LYS A 109 2.66 7.34 15.81
N LEU A 110 3.09 6.95 17.02
CA LEU A 110 2.71 5.69 17.59
C LEU A 110 1.32 5.91 18.18
N LEU A 111 0.40 4.97 17.99
CA LEU A 111 -0.94 5.06 18.59
C LEU A 111 -1.08 4.21 19.81
N ALA A 112 -0.26 3.18 19.97
CA ALA A 112 -0.25 2.32 21.14
C ALA A 112 1.04 1.47 21.21
N GLY A 113 1.18 0.82 22.36
CA GLY A 113 2.28 -0.06 22.67
C GLY A 113 3.60 0.66 22.86
N GLY A 114 3.54 1.95 23.15
CA GLY A 114 4.78 2.71 23.43
C GLY A 114 5.58 2.30 24.68
N GLU A 115 4.93 1.84 25.71
CA GLU A 115 5.53 1.30 26.91
C GLU A 115 6.36 0.02 26.65
N ASP A 116 6.08 -0.66 25.53
CA ASP A 116 6.87 -1.86 25.14
C ASP A 116 7.99 -1.48 24.18
N VAL A 117 7.68 -0.77 23.08
CA VAL A 117 8.69 -0.27 22.15
C VAL A 117 8.53 1.23 21.99
N ALA A 118 9.59 2.00 22.23
CA ALA A 118 9.49 3.47 22.32
C ALA A 118 9.01 4.05 21.03
N PRO A 119 8.26 5.14 21.15
CA PRO A 119 7.97 5.91 19.97
C PRO A 119 9.25 6.29 19.24
N GLY A 120 9.24 6.19 17.93
CA GLY A 120 10.25 6.73 17.06
C GLY A 120 10.92 5.58 16.36
N PRO A 121 11.95 5.86 15.57
CA PRO A 121 12.86 4.78 15.06
C PRO A 121 13.47 3.90 16.15
N LEU A 122 13.75 2.67 15.75
CA LEU A 122 14.31 1.62 16.52
C LEU A 122 15.88 1.76 16.58
N GLY A 123 16.49 1.25 17.64
CA GLY A 123 17.99 1.15 17.68
C GLY A 123 18.45 0.31 16.50
N LEU A 124 19.66 0.51 16.05
CA LEU A 124 20.17 -0.32 15.00
C LEU A 124 20.10 -1.79 15.45
N GLY A 125 20.40 -2.05 16.72
CA GLY A 125 20.40 -3.40 17.29
C GLY A 125 18.96 -3.94 17.26
N GLN A 126 17.98 -3.12 17.66
CA GLN A 126 16.53 -3.47 17.49
C GLN A 126 16.13 -3.93 16.06
N LEU A 127 16.53 -3.18 15.05
CA LEU A 127 16.24 -3.55 13.65
C LEU A 127 16.88 -4.83 13.26
N LEU A 128 18.15 -5.02 13.63
CA LEU A 128 18.91 -6.22 13.30
C LEU A 128 18.36 -7.46 14.02
N ALA A 129 17.87 -7.27 15.24
CA ALA A 129 17.18 -8.30 16.02
C ALA A 129 15.85 -8.72 15.31
N VAL A 130 15.10 -7.76 14.74
CA VAL A 130 13.87 -8.04 13.97
C VAL A 130 14.24 -8.84 12.73
N ALA A 131 15.17 -8.31 11.93
CA ALA A 131 15.69 -9.06 10.75
C ALA A 131 16.20 -10.48 11.07
N SER A 132 16.98 -10.64 12.15
CA SER A 132 17.47 -11.99 12.43
C SER A 132 16.38 -12.99 12.93
N GLN A 133 15.39 -12.51 13.65
CA GLN A 133 14.20 -13.32 13.99
C GLN A 133 13.46 -13.85 12.75
N VAL A 134 13.24 -12.96 11.79
CA VAL A 134 12.59 -13.37 10.54
C VAL A 134 13.49 -14.38 9.85
N ALA A 135 14.78 -14.12 9.81
CA ALA A 135 15.74 -15.07 9.17
C ALA A 135 15.74 -16.45 9.84
N ALA A 136 15.58 -16.47 11.15
CA ALA A 136 15.55 -17.73 11.91
C ALA A 136 14.36 -18.59 11.46
N GLY A 137 13.19 -17.97 11.31
CA GLY A 137 12.01 -18.63 10.73
C GLY A 137 12.31 -19.19 9.34
N MET A 138 12.93 -18.38 8.48
CA MET A 138 13.29 -18.79 7.13
C MET A 138 14.31 -19.94 7.12
N VAL A 139 15.21 -19.94 8.10
CA VAL A 139 16.20 -21.06 8.27
C VAL A 139 15.44 -22.38 8.53
N TYR A 140 14.50 -22.31 9.48
CA TYR A 140 13.69 -23.43 9.82
C TYR A 140 12.94 -23.98 8.56
N LEU A 141 12.38 -23.07 7.77
CA LEU A 141 11.67 -23.46 6.55
C LEU A 141 12.56 -24.09 5.46
N ALA A 142 13.70 -23.47 5.21
CA ALA A 142 14.71 -24.01 4.27
C ALA A 142 15.25 -25.36 4.75
N GLY A 143 15.30 -25.56 6.08
CA GLY A 143 15.60 -26.88 6.67
C GLY A 143 14.66 -27.98 6.18
N LEU A 144 13.36 -27.65 6.08
CA LEU A 144 12.28 -28.55 5.66
C LEU A 144 12.11 -28.55 4.16
N HIS A 145 12.97 -27.85 3.41
CA HIS A 145 12.81 -27.72 1.97
C HIS A 145 11.45 -27.09 1.60
N PHE A 146 10.96 -26.20 2.45
CA PHE A 146 9.66 -25.56 2.35
C PHE A 146 9.87 -24.15 1.82
N VAL A 147 9.08 -23.81 0.77
CA VAL A 147 9.14 -22.47 0.14
C VAL A 147 7.97 -21.65 0.62
N HIS A 148 8.21 -20.44 1.11
CA HIS A 148 7.15 -19.54 1.58
C HIS A 148 6.33 -18.95 0.42
N ARG A 149 7.03 -18.36 -0.53
CA ARG A 149 6.49 -17.77 -1.78
C ARG A 149 6.01 -16.35 -1.61
N ASP A 150 5.63 -15.95 -0.41
CA ASP A 150 5.24 -14.57 -0.11
C ASP A 150 5.82 -14.00 1.21
N LEU A 151 7.15 -14.05 1.39
CA LEU A 151 7.73 -13.45 2.54
C LEU A 151 7.78 -11.96 2.28
N ALA A 152 7.28 -11.20 3.28
CA ALA A 152 7.14 -9.73 3.26
C ALA A 152 6.74 -9.29 4.66
N THR A 153 7.04 -8.04 5.02
CA THR A 153 6.74 -7.60 6.39
C THR A 153 5.26 -7.76 6.79
N ARG A 154 4.34 -7.52 5.81
CA ARG A 154 2.90 -7.70 6.08
C ARG A 154 2.63 -9.12 6.54
N ASN A 155 3.45 -10.10 6.14
CA ASN A 155 3.21 -11.48 6.56
C ASN A 155 3.95 -11.88 7.83
N CYS A 156 4.55 -10.88 8.52
CA CYS A 156 5.18 -11.13 9.82
C CYS A 156 4.41 -10.43 10.87
N LEU A 157 4.35 -11.04 12.03
CA LEU A 157 3.72 -10.49 13.21
C LEU A 157 4.77 -10.15 14.31
N VAL A 158 4.41 -9.20 15.17
CA VAL A 158 5.23 -8.58 16.17
C VAL A 158 4.47 -8.67 17.53
N GLY A 159 4.97 -9.53 18.42
CA GLY A 159 4.44 -9.67 19.79
C GLY A 159 5.17 -8.83 20.83
N GLN A 160 4.70 -8.99 22.06
CA GLN A 160 5.16 -8.29 23.25
C GLN A 160 6.67 -8.55 23.40
N GLY A 161 7.44 -7.46 23.66
CA GLY A 161 8.89 -7.45 23.84
C GLY A 161 9.66 -7.50 22.54
N LEU A 162 9.04 -7.02 21.47
CA LEU A 162 9.61 -7.03 20.10
C LEU A 162 10.01 -8.40 19.63
N VAL A 163 9.16 -9.40 19.84
CA VAL A 163 9.41 -10.72 19.23
C VAL A 163 8.65 -10.77 17.90
N VAL A 164 9.30 -11.25 16.85
CA VAL A 164 8.83 -11.21 15.50
C VAL A 164 8.80 -12.65 15.01
N LYS A 165 7.72 -13.05 14.33
CA LYS A 165 7.56 -14.43 13.81
C LYS A 165 6.93 -14.38 12.43
N ILE A 166 7.22 -15.37 11.60
CA ILE A 166 6.58 -15.46 10.34
C ILE A 166 5.11 -15.79 10.65
N GLY A 167 4.20 -15.00 10.05
CA GLY A 167 2.81 -14.89 10.44
C GLY A 167 1.81 -15.60 9.55
N ASP A 168 2.10 -15.74 8.24
CA ASP A 168 1.02 -16.02 7.29
C ASP A 168 1.08 -17.33 6.54
N PHE A 169 2.03 -17.42 5.62
CA PHE A 169 2.05 -18.47 4.54
C PHE A 169 0.83 -18.34 3.63
N THR A 178 -2.66 -3.91 -3.73
CA THR A 178 -1.54 -3.00 -4.17
C THR A 178 -0.04 -3.60 -4.09
N ASP A 179 0.19 -4.48 -3.09
CA ASP A 179 1.44 -5.29 -3.03
C ASP A 179 1.50 -6.42 -4.10
N TYR A 180 0.30 -6.73 -4.62
CA TYR A 180 0.01 -7.82 -5.56
C TYR A 180 -0.41 -7.36 -6.98
N TYR A 181 -0.27 -8.27 -7.92
CA TYR A 181 -0.40 -7.99 -9.36
C TYR A 181 -1.04 -9.19 -10.05
N ARG A 182 -2.19 -8.91 -10.75
CA ARG A 182 -3.03 -9.87 -11.50
C ARG A 182 -2.45 -10.03 -12.89
N THR A 187 -4.79 -15.73 -9.01
CA THR A 187 -3.50 -15.72 -9.70
C THR A 187 -2.81 -14.35 -9.46
N MET A 188 -2.48 -14.11 -8.18
CA MET A 188 -1.98 -12.79 -7.65
C MET A 188 -0.52 -12.89 -7.20
N LEU A 189 0.39 -12.27 -7.93
CA LEU A 189 1.84 -12.42 -7.64
C LEU A 189 2.40 -11.19 -6.89
N PRO A 190 3.10 -11.37 -5.74
CA PRO A 190 3.70 -10.22 -5.07
C PRO A 190 4.97 -9.81 -5.75
N ILE A 191 4.87 -9.26 -6.96
CA ILE A 191 6.01 -9.10 -7.83
C ILE A 191 7.20 -8.22 -7.26
N ARG A 192 6.89 -7.26 -6.40
CA ARG A 192 7.89 -6.36 -5.87
C ARG A 192 8.88 -7.05 -4.90
N TRP A 193 8.42 -8.17 -4.33
CA TRP A 193 9.16 -9.08 -3.51
C TRP A 193 9.77 -10.24 -4.22
N MET A 194 9.53 -10.38 -5.51
CA MET A 194 9.99 -11.57 -6.25
C MET A 194 11.27 -11.30 -7.06
N PRO A 195 12.12 -12.30 -7.24
CA PRO A 195 13.19 -12.25 -8.18
C PRO A 195 12.74 -12.52 -9.62
N PRO A 196 13.63 -12.25 -10.58
CA PRO A 196 13.30 -12.45 -12.01
C PRO A 196 12.88 -13.84 -12.37
N GLU A 197 13.44 -14.87 -11.81
CA GLU A 197 13.10 -16.20 -12.28
C GLU A 197 11.70 -16.56 -11.80
N SER A 198 11.27 -16.01 -10.69
CA SER A 198 9.90 -16.16 -10.20
C SER A 198 8.84 -15.41 -11.11
N ILE A 199 9.13 -14.17 -11.50
CA ILE A 199 8.40 -13.39 -12.45
C ILE A 199 8.39 -14.01 -13.83
N LEU A 200 9.52 -14.32 -14.39
CA LEU A 200 9.59 -14.80 -15.75
C LEU A 200 9.19 -16.26 -15.89
N TYR A 201 9.63 -17.13 -14.99
CA TYR A 201 9.45 -18.56 -15.15
C TYR A 201 8.62 -19.23 -14.07
N ARG A 202 8.05 -18.45 -13.15
CA ARG A 202 7.21 -18.97 -12.05
C ARG A 202 7.93 -19.90 -11.11
N LYS A 203 9.27 -19.80 -11.06
CA LYS A 203 10.18 -20.66 -10.26
C LYS A 203 10.19 -20.08 -8.90
N PHE A 204 9.71 -20.85 -7.94
CA PHE A 204 9.79 -20.52 -6.53
C PHE A 204 10.68 -21.55 -5.84
N THR A 205 11.79 -21.08 -5.29
CA THR A 205 12.74 -21.95 -4.55
C THR A 205 13.11 -21.32 -3.19
N THR A 206 13.95 -22.02 -2.43
CA THR A 206 14.59 -21.47 -1.20
C THR A 206 15.48 -20.25 -1.53
N GLU A 207 16.01 -20.21 -2.75
CA GLU A 207 16.75 -19.03 -3.27
C GLU A 207 15.88 -17.84 -3.66
N SER A 208 14.67 -18.09 -4.16
CA SER A 208 13.72 -17.00 -4.39
C SER A 208 13.22 -16.46 -3.07
N ASP A 209 13.05 -17.32 -2.05
CA ASP A 209 12.75 -16.84 -0.65
C ASP A 209 13.87 -16.03 -0.06
N VAL A 210 15.11 -16.35 -0.42
CA VAL A 210 16.23 -15.51 0.02
C VAL A 210 16.16 -14.12 -0.57
N TRP A 211 15.86 -14.04 -1.86
CA TRP A 211 15.64 -12.75 -2.54
C TRP A 211 14.56 -11.95 -1.81
N SER A 212 13.46 -12.61 -1.53
CA SER A 212 12.35 -11.94 -0.80
C SER A 212 12.83 -11.50 0.57
N PHE A 213 13.62 -12.34 1.23
CA PHE A 213 14.21 -11.95 2.55
C PHE A 213 15.01 -10.64 2.44
N GLY A 214 15.76 -10.53 1.36
CA GLY A 214 16.51 -9.31 1.11
C GLY A 214 15.59 -8.13 1.06
N VAL A 215 14.46 -8.29 0.30
CA VAL A 215 13.47 -7.19 0.18
C VAL A 215 12.90 -6.93 1.59
N VAL A 216 12.59 -7.96 2.38
CA VAL A 216 12.15 -7.71 3.79
C VAL A 216 13.13 -6.88 4.64
N LEU A 217 14.45 -7.11 4.50
CA LEU A 217 15.52 -6.28 5.11
C LEU A 217 15.46 -4.84 4.65
N TRP A 218 15.17 -4.65 3.36
CA TRP A 218 14.97 -3.31 2.80
C TRP A 218 13.75 -2.63 3.43
N GLU A 219 12.65 -3.35 3.53
CA GLU A 219 11.43 -2.85 4.24
C GLU A 219 11.76 -2.46 5.71
N ILE A 220 12.53 -3.32 6.40
CA ILE A 220 12.91 -3.11 7.82
C ILE A 220 13.65 -1.80 7.97
N PHE A 221 14.65 -1.63 7.09
CA PHE A 221 15.55 -0.47 7.11
C PHE A 221 15.03 0.76 6.41
N THR A 222 13.83 0.65 5.85
CA THR A 222 13.10 1.84 5.33
C THR A 222 11.90 2.19 6.17
N TYR A 223 11.68 1.48 7.28
CA TYR A 223 10.49 1.65 8.12
C TYR A 223 9.16 1.44 7.31
N GLY A 224 9.20 0.43 6.46
CA GLY A 224 8.01 -0.15 5.85
C GLY A 224 7.60 0.44 4.51
N LYS A 225 8.50 1.11 3.80
CA LYS A 225 8.23 1.56 2.44
C LYS A 225 7.93 0.42 1.51
N GLN A 226 7.14 0.68 0.48
CA GLN A 226 6.98 -0.34 -0.52
C GLN A 226 8.28 -0.44 -1.44
N PRO A 227 8.74 -1.63 -1.79
CA PRO A 227 9.79 -1.71 -2.76
C PRO A 227 9.33 -1.05 -4.06
N TRP A 228 10.20 -0.26 -4.68
CA TRP A 228 9.85 0.35 -5.97
C TRP A 228 8.57 1.23 -5.87
N TYR A 229 8.42 1.89 -4.73
CA TYR A 229 7.37 2.85 -4.42
C TYR A 229 7.20 3.91 -5.46
N GLN A 230 8.28 4.22 -6.17
CA GLN A 230 8.24 5.26 -7.18
C GLN A 230 7.45 4.81 -8.39
N LEU A 231 7.27 3.48 -8.54
CA LEU A 231 6.88 2.86 -9.83
C LEU A 231 5.55 2.10 -9.77
N SER A 232 4.87 2.08 -10.88
CA SER A 232 3.78 1.11 -11.16
C SER A 232 4.32 -0.34 -11.06
N ASN A 233 3.39 -1.28 -10.88
CA ASN A 233 3.62 -2.68 -11.01
C ASN A 233 4.46 -3.04 -12.25
N THR A 234 4.09 -2.52 -13.41
CA THR A 234 4.71 -2.85 -14.72
C THR A 234 6.10 -2.34 -14.78
N GLU A 235 6.30 -1.13 -14.27
CA GLU A 235 7.65 -0.55 -14.26
C GLU A 235 8.64 -1.29 -13.28
N ALA A 236 8.10 -1.70 -12.16
CA ALA A 236 8.81 -2.46 -11.21
C ALA A 236 9.22 -3.82 -11.77
N ILE A 237 8.33 -4.51 -12.50
CA ILE A 237 8.68 -5.77 -13.12
C ILE A 237 9.84 -5.55 -14.08
N ASP A 238 9.79 -4.46 -14.85
CA ASP A 238 10.85 -4.07 -15.82
C ASP A 238 12.19 -3.85 -15.08
N CYS A 239 12.18 -3.15 -13.94
CA CYS A 239 13.38 -2.94 -13.13
C CYS A 239 13.98 -4.22 -12.67
N ILE A 240 13.15 -5.07 -12.07
CA ILE A 240 13.55 -6.32 -11.50
C ILE A 240 14.15 -7.26 -12.56
N THR A 241 13.47 -7.42 -13.69
CA THR A 241 13.92 -8.28 -14.78
C THR A 241 15.14 -7.74 -15.56
N GLN A 242 15.26 -6.43 -15.68
CA GLN A 242 16.49 -5.78 -16.16
C GLN A 242 17.63 -5.63 -15.11
N GLY A 243 17.46 -6.23 -13.93
CA GLY A 243 18.51 -6.31 -12.90
C GLY A 243 18.90 -5.03 -12.16
N ARG A 244 17.92 -4.19 -11.84
CA ARG A 244 18.16 -2.96 -11.14
C ARG A 244 17.93 -3.28 -9.68
N GLU A 245 18.69 -2.62 -8.81
CA GLU A 245 18.68 -2.89 -7.36
C GLU A 245 17.96 -1.75 -6.66
N LEU A 246 17.24 -2.07 -5.61
CA LEU A 246 16.71 -1.11 -4.69
C LEU A 246 17.82 -0.23 -4.10
N GLU A 247 17.57 1.08 -3.99
CA GLU A 247 18.36 2.08 -3.33
C GLU A 247 18.78 1.62 -1.95
N ARG A 248 19.95 2.07 -1.48
CA ARG A 248 20.28 1.89 -0.10
C ARG A 248 19.45 2.86 0.75
N PRO A 249 18.73 2.37 1.77
CA PRO A 249 18.06 3.30 2.69
C PRO A 249 19.04 4.24 3.42
N ARG A 250 18.61 5.45 3.75
CA ARG A 250 19.39 6.40 4.56
C ARG A 250 19.82 5.78 5.86
N ALA A 251 18.92 5.01 6.48
CA ALA A 251 19.27 4.24 7.72
C ALA A 251 20.57 3.42 7.48
N CYS A 252 20.53 2.65 6.40
CA CYS A 252 21.29 1.44 6.23
C CYS A 252 22.81 1.58 6.33
N PRO A 253 23.44 0.89 7.32
CA PRO A 253 24.87 0.68 7.30
C PRO A 253 25.33 -0.02 6.05
N PRO A 254 26.52 0.32 5.49
CA PRO A 254 27.11 -0.48 4.40
C PRO A 254 27.07 -2.00 4.60
N GLU A 255 27.39 -2.48 5.80
CA GLU A 255 27.49 -3.91 6.09
C GLU A 255 26.13 -4.62 5.94
N VAL A 256 25.06 -3.93 6.31
CA VAL A 256 23.64 -4.44 6.09
C VAL A 256 23.22 -4.41 4.61
N TYR A 257 23.47 -3.29 3.92
CA TYR A 257 23.16 -3.17 2.49
C TYR A 257 23.87 -4.19 1.64
N ALA A 258 25.03 -4.62 2.11
CA ALA A 258 25.80 -5.68 1.50
C ALA A 258 25.10 -7.06 1.58
N ILE A 259 24.49 -7.31 2.73
CA ILE A 259 23.70 -8.52 2.97
C ILE A 259 22.53 -8.54 2.00
N MET A 260 21.88 -7.38 1.82
CA MET A 260 20.76 -7.26 0.89
C MET A 260 21.20 -7.66 -0.53
N ARG A 261 22.35 -7.13 -0.95
CA ARG A 261 22.79 -7.37 -2.32
C ARG A 261 23.20 -8.82 -2.50
N GLY A 262 23.60 -9.43 -1.39
CA GLY A 262 23.91 -10.85 -1.33
C GLY A 262 22.71 -11.68 -1.64
N CYS A 263 21.56 -11.26 -1.14
CA CYS A 263 20.25 -11.90 -1.44
C CYS A 263 19.72 -11.66 -2.85
N TRP A 264 20.15 -10.57 -3.49
CA TRP A 264 19.61 -10.07 -4.76
C TRP A 264 20.52 -10.34 -5.96
N GLN A 265 21.25 -11.41 -5.99
CA GLN A 265 22.08 -11.72 -7.15
C GLN A 265 21.15 -12.20 -8.24
N ARG A 266 21.32 -11.70 -9.45
CA ARG A 266 20.53 -12.10 -10.62
C ARG A 266 20.46 -13.62 -10.71
N GLU A 267 21.55 -14.31 -10.47
CA GLU A 267 21.58 -15.79 -10.55
C GLU A 267 21.23 -16.39 -9.19
N PRO A 268 20.24 -17.30 -9.15
CA PRO A 268 19.86 -17.93 -7.87
C PRO A 268 21.02 -18.64 -7.15
N GLN A 269 21.77 -19.47 -7.89
CA GLN A 269 23.03 -20.11 -7.42
C GLN A 269 23.95 -19.17 -6.55
N GLN A 270 24.09 -17.90 -6.96
CA GLN A 270 25.01 -16.94 -6.40
C GLN A 270 24.53 -16.24 -5.17
N ARG A 271 23.36 -16.55 -4.68
CA ARG A 271 22.78 -15.77 -3.56
C ARG A 271 23.29 -16.39 -2.31
N HIS A 272 23.43 -15.59 -1.27
CA HIS A 272 23.67 -16.10 0.06
C HIS A 272 22.65 -17.18 0.38
N SER A 273 23.08 -18.23 1.05
CA SER A 273 22.19 -19.13 1.77
C SER A 273 21.45 -18.37 2.87
N ILE A 274 20.28 -18.80 3.32
CA ILE A 274 19.62 -18.16 4.46
C ILE A 274 20.33 -18.47 5.80
N LYS A 275 21.04 -19.59 5.86
CA LYS A 275 21.90 -19.87 7.02
C LYS A 275 23.02 -18.85 7.13
N ASP A 276 23.70 -18.56 6.01
CA ASP A 276 24.69 -17.45 5.92
C ASP A 276 24.12 -16.15 6.49
N VAL A 277 22.96 -15.76 5.98
CA VAL A 277 22.34 -14.50 6.22
C VAL A 277 21.97 -14.36 7.72
N HIS A 278 21.41 -15.43 8.29
CA HIS A 278 21.05 -15.44 9.70
C HIS A 278 22.26 -15.25 10.60
N ALA A 279 23.30 -16.02 10.31
CA ALA A 279 24.56 -16.00 11.03
C ALA A 279 25.13 -14.58 11.04
N ARG A 280 25.28 -14.02 9.84
CA ARG A 280 25.81 -12.68 9.68
C ARG A 280 24.97 -11.60 10.43
N LEU A 281 23.67 -11.72 10.41
CA LEU A 281 22.80 -10.78 11.08
C LEU A 281 22.84 -10.91 12.57
N GLN A 282 22.86 -12.14 13.03
CA GLN A 282 23.05 -12.42 14.47
C GLN A 282 24.36 -11.91 15.01
N ALA A 283 25.38 -11.83 14.16
CA ALA A 283 26.67 -11.25 14.51
C ALA A 283 26.53 -9.75 14.63
N LEU A 284 25.86 -9.14 13.67
CA LEU A 284 25.69 -7.67 13.66
C LEU A 284 24.81 -7.15 14.81
N ALA A 285 23.77 -7.91 15.12
CA ALA A 285 22.87 -7.61 16.20
C ALA A 285 23.62 -7.63 17.55
N GLN A 286 24.54 -8.56 17.68
CA GLN A 286 25.43 -8.65 18.84
C GLN A 286 26.49 -7.54 18.93
N ALA A 287 26.94 -6.97 17.81
CA ALA A 287 27.92 -5.87 17.75
C ALA A 287 27.60 -4.93 16.59
N PRO A 288 26.56 -4.10 16.75
CA PRO A 288 26.02 -3.32 15.62
C PRO A 288 26.99 -2.29 15.07
N PRO A 289 27.17 -2.16 13.74
CA PRO A 289 28.06 -1.16 13.13
C PRO A 289 27.69 0.29 13.52
N VAL A 290 28.42 1.35 12.98
CA VAL A 290 28.41 2.87 13.41
C VAL A 290 27.24 3.47 14.43
N SER B 1 -21.08 13.33 -27.53
CA SER B 1 -20.47 12.85 -28.84
C SER B 1 -19.01 12.47 -28.59
N VAL B 2 -18.76 11.16 -28.53
CA VAL B 2 -17.42 10.60 -28.32
C VAL B 2 -16.56 10.67 -29.57
N HIS B 3 -15.40 11.32 -29.56
CA HIS B 3 -14.48 11.34 -30.72
C HIS B 3 -13.90 9.95 -30.92
N HIS B 4 -14.17 9.36 -32.07
CA HIS B 4 -13.64 8.05 -32.42
C HIS B 4 -12.30 8.26 -33.16
N ILE B 5 -11.31 7.45 -32.81
CA ILE B 5 -9.94 7.53 -33.36
C ILE B 5 -9.70 6.26 -34.16
N LYS B 6 -8.86 6.35 -35.18
CA LYS B 6 -8.48 5.17 -36.00
C LYS B 6 -7.23 4.50 -35.37
N ARG B 7 -7.14 3.18 -35.52
CA ARG B 7 -6.03 2.36 -35.03
C ARG B 7 -4.68 2.69 -35.64
N ARG B 8 -4.63 2.82 -36.95
CA ARG B 8 -3.43 3.20 -37.71
C ARG B 8 -2.78 4.47 -37.19
N ASP B 9 -3.57 5.37 -36.58
CA ASP B 9 -3.10 6.62 -35.96
C ASP B 9 -2.34 6.37 -34.62
N ILE B 10 -2.82 5.39 -33.84
CA ILE B 10 -2.26 5.02 -32.53
C ILE B 10 -1.20 3.93 -32.69
N VAL B 11 0.05 4.26 -32.34
CA VAL B 11 1.16 3.29 -32.33
C VAL B 11 1.60 3.26 -30.87
N LEU B 12 1.54 2.05 -30.27
CA LEU B 12 1.93 1.83 -28.87
C LEU B 12 3.46 1.87 -28.78
N LYS B 13 3.97 2.38 -27.66
CA LYS B 13 5.38 2.51 -27.42
C LYS B 13 5.77 1.52 -26.28
N TRP B 14 5.24 1.69 -25.07
CA TRP B 14 5.50 0.82 -23.93
C TRP B 14 4.42 0.94 -22.90
N GLU B 15 4.37 -0.04 -22.04
CA GLU B 15 3.31 -0.17 -21.07
C GLU B 15 3.69 0.70 -19.85
N LEU B 16 2.71 1.44 -19.28
CA LEU B 16 2.93 2.37 -18.16
C LEU B 16 2.52 1.71 -16.83
N GLY B 17 1.41 1.00 -16.87
CA GLY B 17 0.94 0.32 -15.70
C GLY B 17 -0.20 -0.58 -16.10
N GLU B 18 -0.81 -1.18 -15.10
CA GLU B 18 -1.95 -2.05 -15.20
C GLU B 18 -2.88 -1.64 -14.09
N GLY B 19 -4.02 -1.09 -14.50
CA GLY B 19 -5.05 -0.57 -13.59
C GLY B 19 -6.13 -1.61 -13.50
N ALA B 20 -7.22 -1.17 -12.88
CA ALA B 20 -8.34 -2.03 -12.47
C ALA B 20 -8.81 -3.00 -13.60
N PHE B 21 -8.98 -2.45 -14.81
CA PHE B 21 -9.64 -3.13 -15.92
C PHE B 21 -8.77 -3.12 -17.17
N GLY B 22 -7.45 -3.23 -16.96
CA GLY B 22 -6.51 -3.46 -18.07
C GLY B 22 -5.32 -2.54 -18.14
N LYS B 23 -4.50 -2.88 -19.12
CA LYS B 23 -3.21 -2.26 -19.40
C LYS B 23 -3.34 -0.80 -19.81
N VAL B 24 -2.33 0.00 -19.47
CA VAL B 24 -2.20 1.38 -19.85
C VAL B 24 -0.87 1.55 -20.59
N PHE B 25 -0.89 2.15 -21.80
CA PHE B 25 0.30 2.28 -22.71
C PHE B 25 0.59 3.74 -23.02
N LEU B 26 1.87 4.07 -23.17
CA LEU B 26 2.29 5.28 -23.81
C LEU B 26 2.22 4.98 -25.29
N ALA B 27 1.84 6.00 -26.08
CA ALA B 27 1.69 5.88 -27.51
C ALA B 27 1.96 7.20 -28.16
N GLU B 28 2.47 7.13 -29.40
CA GLU B 28 2.38 8.18 -30.42
C GLU B 28 0.94 8.11 -30.94
N CYS B 29 0.27 9.27 -31.05
CA CYS B 29 -1.00 9.38 -31.81
C CYS B 29 -0.86 10.47 -32.87
N HIS B 30 -1.14 10.10 -34.12
CA HIS B 30 -1.08 11.00 -35.29
C HIS B 30 -2.49 11.56 -35.59
N ASN B 31 -2.54 12.76 -36.15
CA ASN B 31 -3.81 13.39 -36.67
C ASN B 31 -4.89 13.60 -35.62
N LEU B 32 -4.49 13.87 -34.39
CA LEU B 32 -5.42 14.04 -33.28
C LEU B 32 -5.72 15.50 -32.99
N LEU B 33 -4.82 16.44 -33.39
CA LEU B 33 -5.04 17.93 -33.36
C LEU B 33 -4.38 18.62 -34.58
N ASP B 37 0.52 17.90 -34.61
CA ASP B 37 0.87 16.78 -35.49
C ASP B 37 0.88 15.44 -34.72
N LYS B 38 1.95 14.61 -34.80
CA LYS B 38 2.06 13.40 -33.94
C LYS B 38 2.51 13.79 -32.54
N MET B 39 1.81 13.30 -31.52
CA MET B 39 2.11 13.61 -30.13
C MET B 39 2.01 12.36 -29.26
N LEU B 40 2.40 12.47 -27.99
CA LEU B 40 2.33 11.34 -27.05
C LEU B 40 1.02 11.39 -26.23
N VAL B 41 0.33 10.25 -26.17
CA VAL B 41 -0.92 10.11 -25.39
C VAL B 41 -0.85 8.81 -24.53
N ALA B 42 -1.74 8.69 -23.54
CA ALA B 42 -1.88 7.49 -22.73
C ALA B 42 -3.12 6.80 -23.17
N VAL B 43 -3.00 5.51 -23.43
CA VAL B 43 -4.09 4.69 -23.96
C VAL B 43 -4.43 3.55 -23.00
N LYS B 44 -5.64 3.53 -22.42
CA LYS B 44 -6.16 2.37 -21.67
C LYS B 44 -6.63 1.30 -22.64
N ALA B 45 -6.82 0.07 -22.12
CA ALA B 45 -7.28 -1.12 -22.91
C ALA B 45 -8.53 -1.83 -22.27
N LEU B 46 -8.74 -3.11 -22.65
CA LEU B 46 -9.91 -3.98 -22.28
C LEU B 46 -10.54 -3.69 -20.93
N ASP B 56 -22.20 -0.65 -20.99
CA ASP B 56 -20.87 -1.22 -20.95
C ASP B 56 -19.84 -0.07 -20.58
N PHE B 57 -18.78 0.06 -21.39
CA PHE B 57 -17.74 1.09 -21.25
C PHE B 57 -18.20 2.40 -21.93
N GLN B 58 -19.18 2.29 -22.85
CA GLN B 58 -19.73 3.43 -23.64
C GLN B 58 -20.39 4.45 -22.74
N ARG B 59 -21.07 3.99 -21.67
CA ARG B 59 -21.57 4.83 -20.57
C ARG B 59 -20.45 5.66 -19.94
N GLU B 60 -19.33 5.01 -19.64
CA GLU B 60 -18.18 5.72 -19.06
C GLU B 60 -17.54 6.68 -20.06
N ALA B 61 -17.39 6.24 -21.31
CA ALA B 61 -16.78 7.04 -22.37
C ALA B 61 -17.56 8.33 -22.65
N GLU B 62 -18.90 8.24 -22.55
CA GLU B 62 -19.76 9.40 -22.74
C GLU B 62 -19.57 10.38 -21.60
N LEU B 63 -19.50 9.85 -20.39
CA LEU B 63 -19.24 10.63 -19.16
C LEU B 63 -17.96 11.46 -19.25
N LEU B 64 -16.90 10.83 -19.70
CA LEU B 64 -15.60 11.51 -19.82
C LEU B 64 -15.55 12.58 -20.92
N THR B 65 -16.29 12.37 -22.02
CA THR B 65 -16.49 13.41 -23.08
C THR B 65 -17.33 14.59 -22.50
N MET B 66 -18.24 14.28 -21.58
CA MET B 66 -19.04 15.27 -20.82
C MET B 66 -18.24 16.15 -19.83
N LEU B 67 -17.24 15.59 -19.15
CA LEU B 67 -16.53 16.21 -18.03
C LEU B 67 -15.17 16.82 -18.41
N GLN B 68 -15.21 18.04 -18.95
CA GLN B 68 -14.01 18.80 -19.36
C GLN B 68 -13.70 19.92 -18.34
N HIS B 69 -12.45 20.00 -17.87
CA HIS B 69 -11.95 21.06 -16.98
C HIS B 69 -10.44 21.02 -16.99
N GLN B 70 -9.82 22.13 -16.65
CA GLN B 70 -8.36 22.28 -16.65
C GLN B 70 -7.64 21.18 -15.81
N HIS B 71 -8.33 20.71 -14.77
CA HIS B 71 -7.86 19.84 -13.73
C HIS B 71 -8.64 18.53 -13.66
N ILE B 72 -9.08 18.08 -14.84
CA ILE B 72 -9.53 16.72 -15.10
C ILE B 72 -8.73 16.28 -16.31
N VAL B 73 -8.10 15.12 -16.21
CA VAL B 73 -7.19 14.65 -17.22
C VAL B 73 -7.92 14.67 -18.53
N ARG B 74 -7.31 15.29 -19.54
CA ARG B 74 -7.92 15.43 -20.85
C ARG B 74 -8.25 14.04 -21.43
N PHE B 75 -9.53 13.83 -21.73
CA PHE B 75 -10.01 12.64 -22.45
C PHE B 75 -10.17 12.94 -23.97
N PHE B 76 -9.32 12.35 -24.82
CA PHE B 76 -9.31 12.56 -26.27
C PHE B 76 -10.25 11.61 -27.03
N GLY B 77 -10.90 10.67 -26.37
CA GLY B 77 -11.94 9.80 -27.03
C GLY B 77 -11.52 8.33 -27.04
N VAL B 78 -12.11 7.55 -27.96
CA VAL B 78 -11.97 6.08 -27.97
C VAL B 78 -11.56 5.58 -29.35
N CYS B 79 -11.02 4.35 -29.37
CA CYS B 79 -10.86 3.54 -30.58
C CYS B 79 -11.60 2.20 -30.39
N THR B 80 -12.62 1.98 -31.22
CA THR B 80 -13.41 0.75 -31.24
C THR B 80 -13.44 0.11 -32.64
N GLU B 81 -12.57 0.58 -33.55
CA GLU B 81 -12.09 -0.15 -34.73
C GLU B 81 -11.16 -1.26 -34.21
N GLY B 82 -11.42 -2.51 -34.60
CA GLY B 82 -10.80 -3.71 -34.00
C GLY B 82 -11.02 -3.82 -32.50
N ARG B 83 -10.34 -4.80 -31.89
CA ARG B 83 -10.28 -4.96 -30.42
C ARG B 83 -8.80 -5.11 -29.98
N PRO B 84 -8.45 -4.88 -28.70
CA PRO B 84 -9.39 -4.54 -27.60
C PRO B 84 -9.83 -3.09 -27.63
N LEU B 85 -10.73 -2.71 -26.72
CA LEU B 85 -11.25 -1.31 -26.72
C LEU B 85 -10.26 -0.32 -26.09
N LEU B 86 -9.91 0.75 -26.83
CA LEU B 86 -8.98 1.82 -26.40
C LEU B 86 -9.72 3.07 -25.91
N MET B 87 -9.23 3.68 -24.83
CA MET B 87 -9.64 5.01 -24.36
C MET B 87 -8.35 5.84 -24.38
N VAL B 88 -8.38 6.99 -25.04
CA VAL B 88 -7.16 7.81 -25.26
C VAL B 88 -7.21 9.09 -24.39
N PHE B 89 -6.20 9.27 -23.54
CA PHE B 89 -6.08 10.44 -22.68
C PHE B 89 -4.70 11.04 -22.95
N GLU B 90 -4.50 12.26 -22.46
CA GLU B 90 -3.14 12.88 -22.49
C GLU B 90 -2.18 12.09 -21.57
N TYR B 91 -0.92 11.99 -21.98
CA TYR B 91 0.16 11.43 -21.19
C TYR B 91 0.45 12.44 -20.08
N MET B 92 0.33 11.98 -18.81
CA MET B 92 0.67 12.76 -17.64
C MET B 92 1.99 12.21 -17.16
N ARG B 93 3.07 12.85 -17.64
CA ARG B 93 4.43 12.34 -17.63
C ARG B 93 4.92 11.75 -16.32
N HIS B 94 4.58 12.40 -15.21
CA HIS B 94 5.02 12.01 -13.87
C HIS B 94 4.17 10.93 -13.20
N GLY B 95 3.09 10.50 -13.88
CA GLY B 95 2.17 9.47 -13.39
C GLY B 95 1.28 9.97 -12.27
N ASP B 96 0.92 9.07 -11.36
CA ASP B 96 -0.04 9.35 -10.30
C ASP B 96 0.58 10.09 -9.14
N LEU B 97 -0.26 10.89 -8.50
CA LEU B 97 0.14 11.83 -7.48
C LEU B 97 0.66 11.10 -6.26
N ASN B 98 0.10 9.95 -5.92
CA ASN B 98 0.50 9.23 -4.71
C ASN B 98 2.07 8.87 -4.71
N ARG B 99 2.46 8.17 -5.77
CA ARG B 99 3.82 7.76 -6.03
C ARG B 99 4.76 8.95 -6.33
N PHE B 100 4.22 10.05 -6.81
CA PHE B 100 5.00 11.27 -7.04
C PHE B 100 5.35 11.89 -5.72
N LEU B 101 4.32 12.07 -4.87
CA LEU B 101 4.52 12.52 -3.48
C LEU B 101 5.64 11.73 -2.77
N ARG B 102 5.55 10.42 -2.91
CA ARG B 102 6.42 9.48 -2.25
C ARG B 102 7.81 9.56 -2.79
N SER B 103 7.90 9.74 -4.10
CA SER B 103 9.19 9.96 -4.78
C SER B 103 9.92 11.24 -4.31
N HIS B 104 9.20 12.19 -3.79
CA HIS B 104 9.80 13.37 -3.26
C HIS B 104 9.59 12.85 -1.90
N GLY B 105 9.60 13.67 -0.87
CA GLY B 105 9.41 13.12 0.44
C GLY B 105 10.71 12.87 1.14
N PRO B 106 10.62 12.96 2.51
CA PRO B 106 11.87 12.81 3.27
C PRO B 106 13.03 11.98 2.77
N ASP B 107 12.95 10.67 2.96
CA ASP B 107 14.03 9.80 2.60
C ASP B 107 13.76 9.12 1.31
N ALA B 108 13.22 9.85 0.35
CA ALA B 108 12.93 9.20 -0.93
C ALA B 108 14.13 9.32 -1.86
N LYS B 109 14.00 8.82 -3.07
CA LYS B 109 14.93 8.97 -4.20
C LYS B 109 14.10 9.12 -5.52
N LEU B 110 14.36 10.15 -6.30
CA LEU B 110 13.67 10.33 -7.58
C LEU B 110 14.34 9.45 -8.61
N LEU B 111 13.56 8.76 -9.46
CA LEU B 111 14.08 7.86 -10.47
C LEU B 111 13.98 8.44 -11.88
N ALA B 112 13.17 9.48 -12.08
CA ALA B 112 13.11 10.24 -13.36
C ALA B 112 12.30 11.51 -13.18
N GLY B 113 12.42 12.38 -14.17
CA GLY B 113 11.71 13.67 -14.18
C GLY B 113 12.31 14.74 -13.25
N GLY B 114 13.57 14.55 -12.81
CA GLY B 114 14.22 15.55 -11.95
C GLY B 114 14.54 16.88 -12.65
N GLU B 115 14.75 16.83 -13.97
CA GLU B 115 14.93 18.00 -14.80
C GLU B 115 13.71 18.92 -14.83
N ASP B 116 12.52 18.35 -14.64
CA ASP B 116 11.24 19.06 -14.61
C ASP B 116 10.92 19.51 -13.21
N VAL B 117 10.93 18.61 -12.22
CA VAL B 117 10.69 18.94 -10.78
C VAL B 117 11.86 18.39 -9.94
N ALA B 118 12.52 19.28 -9.19
CA ALA B 118 13.77 18.96 -8.51
C ALA B 118 13.60 17.78 -7.53
N PRO B 119 14.66 16.92 -7.42
CA PRO B 119 14.69 15.88 -6.39
C PRO B 119 14.48 16.49 -5.03
N GLY B 120 13.82 15.82 -4.11
CA GLY B 120 13.73 16.26 -2.71
C GLY B 120 12.31 16.69 -2.35
N PRO B 121 12.08 17.11 -1.09
CA PRO B 121 10.79 17.67 -0.66
C PRO B 121 10.31 18.78 -1.60
N LEU B 122 9.00 18.98 -1.68
CA LEU B 122 8.42 19.96 -2.59
C LEU B 122 8.32 21.35 -1.98
N GLY B 123 8.17 21.41 -0.64
CA GLY B 123 8.06 22.67 0.07
C GLY B 123 6.75 23.36 -0.15
N LEU B 124 6.47 24.32 0.72
CA LEU B 124 5.11 24.72 1.03
C LEU B 124 4.35 25.23 -0.21
N GLY B 125 4.99 26.09 -1.00
CA GLY B 125 4.38 26.62 -2.23
C GLY B 125 3.87 25.54 -3.19
N GLN B 126 4.75 24.60 -3.47
CA GLN B 126 4.47 23.52 -4.40
C GLN B 126 3.39 22.56 -3.86
N LEU B 127 3.42 22.20 -2.59
CA LEU B 127 2.34 21.41 -1.95
C LEU B 127 1.00 22.12 -1.96
N LEU B 128 0.99 23.43 -1.69
CA LEU B 128 -0.23 24.23 -1.79
C LEU B 128 -0.76 24.37 -3.22
N ALA B 129 0.13 24.45 -4.19
CA ALA B 129 -0.21 24.37 -5.60
C ALA B 129 -0.84 22.99 -5.98
N VAL B 130 -0.33 21.91 -5.42
CA VAL B 130 -0.90 20.60 -5.64
C VAL B 130 -2.33 20.54 -5.06
N ALA B 131 -2.53 20.96 -3.82
CA ALA B 131 -3.82 20.95 -3.14
C ALA B 131 -4.83 21.78 -3.87
N SER B 132 -4.45 23.02 -4.20
CA SER B 132 -5.27 23.95 -5.00
C SER B 132 -5.83 23.35 -6.28
N GLN B 133 -4.92 22.67 -7.00
CA GLN B 133 -5.24 22.14 -8.32
C GLN B 133 -6.34 21.05 -8.20
N VAL B 134 -6.16 20.13 -7.28
CA VAL B 134 -7.14 19.07 -7.00
C VAL B 134 -8.46 19.72 -6.62
N ALA B 135 -8.41 20.73 -5.75
CA ALA B 135 -9.59 21.37 -5.24
C ALA B 135 -10.39 22.03 -6.40
N ALA B 136 -9.65 22.62 -7.34
CA ALA B 136 -10.22 23.28 -8.49
C ALA B 136 -11.11 22.28 -9.25
N GLY B 137 -10.58 21.08 -9.49
CA GLY B 137 -11.35 20.03 -10.12
C GLY B 137 -12.57 19.64 -9.33
N MET B 138 -12.45 19.57 -8.02
CA MET B 138 -13.59 19.25 -7.15
C MET B 138 -14.67 20.33 -7.16
N VAL B 139 -14.28 21.58 -7.31
CA VAL B 139 -15.22 22.72 -7.47
C VAL B 139 -16.06 22.55 -8.75
N TYR B 140 -15.38 22.16 -9.82
CA TYR B 140 -16.00 21.89 -11.08
C TYR B 140 -17.04 20.79 -10.93
N LEU B 141 -16.67 19.71 -10.25
CA LEU B 141 -17.56 18.54 -10.05
C LEU B 141 -18.77 18.89 -9.19
N ALA B 142 -18.56 19.65 -8.11
CA ALA B 142 -19.65 20.11 -7.25
C ALA B 142 -20.62 21.01 -8.06
N GLY B 143 -20.04 21.79 -9.00
CA GLY B 143 -20.80 22.65 -9.85
C GLY B 143 -21.82 21.85 -10.63
N LEU B 144 -21.46 20.65 -11.11
CA LEU B 144 -22.34 19.78 -11.87
C LEU B 144 -23.06 18.77 -11.01
N HIS B 145 -23.11 18.99 -9.71
CA HIS B 145 -23.65 18.04 -8.72
C HIS B 145 -23.23 16.61 -8.90
N PHE B 146 -21.97 16.46 -9.29
CA PHE B 146 -21.34 15.17 -9.53
C PHE B 146 -20.46 14.74 -8.34
N VAL B 147 -20.67 13.52 -7.89
CA VAL B 147 -20.01 12.94 -6.76
C VAL B 147 -18.96 11.96 -7.25
N HIS B 148 -17.74 12.09 -6.76
CA HIS B 148 -16.61 11.31 -7.20
C HIS B 148 -16.65 9.97 -6.53
N ARG B 149 -16.78 9.94 -5.21
CA ARG B 149 -16.86 8.67 -4.42
C ARG B 149 -15.49 8.03 -4.09
N ASP B 150 -14.43 8.49 -4.72
CA ASP B 150 -13.09 7.92 -4.55
C ASP B 150 -11.99 8.94 -4.86
N LEU B 151 -12.14 10.15 -4.34
CA LEU B 151 -11.06 11.11 -4.38
C LEU B 151 -9.87 10.66 -3.46
N ALA B 152 -8.67 10.59 -4.05
CA ALA B 152 -7.46 10.07 -3.42
C ALA B 152 -6.27 10.38 -4.34
N THR B 153 -5.09 10.54 -3.76
CA THR B 153 -3.92 10.89 -4.57
C THR B 153 -3.65 9.83 -5.65
N ARG B 154 -3.88 8.55 -5.35
CA ARG B 154 -3.68 7.49 -6.35
C ARG B 154 -4.49 7.72 -7.64
N ASN B 155 -5.61 8.45 -7.51
CA ASN B 155 -6.52 8.82 -8.59
C ASN B 155 -6.33 10.20 -9.14
N CYS B 156 -5.26 10.91 -8.72
CA CYS B 156 -4.77 12.10 -9.42
C CYS B 156 -3.52 11.79 -10.24
N LEU B 157 -3.31 12.51 -11.34
CA LEU B 157 -2.13 12.45 -12.21
C LEU B 157 -1.43 13.82 -12.26
N VAL B 158 -0.13 13.75 -12.61
CA VAL B 158 0.83 14.86 -12.52
C VAL B 158 1.59 14.92 -13.82
N GLY B 159 1.44 16.00 -14.57
CA GLY B 159 2.11 16.17 -15.85
C GLY B 159 3.21 17.19 -15.75
N GLN B 160 3.79 17.43 -16.90
CA GLN B 160 4.84 18.41 -17.11
C GLN B 160 4.57 19.68 -16.37
N GLY B 161 5.52 20.20 -15.60
CA GLY B 161 5.43 21.52 -14.98
C GLY B 161 4.74 21.50 -13.63
N LEU B 162 4.61 20.33 -13.05
CA LEU B 162 3.81 20.10 -11.83
C LEU B 162 2.34 20.60 -11.93
N VAL B 163 1.70 20.23 -13.04
CA VAL B 163 0.26 20.47 -13.19
C VAL B 163 -0.45 19.14 -12.83
N VAL B 164 -1.46 19.25 -11.94
CA VAL B 164 -2.15 18.13 -11.28
C VAL B 164 -3.65 18.10 -11.66
N LYS B 165 -4.18 16.92 -12.01
CA LYS B 165 -5.57 16.76 -12.54
C LYS B 165 -6.22 15.50 -12.02
N ILE B 166 -7.50 15.57 -11.71
CA ILE B 166 -8.25 14.41 -11.24
C ILE B 166 -8.24 13.43 -12.40
N GLY B 167 -7.78 12.20 -12.12
CA GLY B 167 -7.33 11.24 -13.14
C GLY B 167 -8.24 10.08 -13.42
N ASP B 168 -9.12 9.75 -12.49
CA ASP B 168 -9.91 8.55 -12.57
C ASP B 168 -11.17 8.79 -11.74
N PHE B 169 -12.25 8.06 -12.10
CA PHE B 169 -13.56 8.06 -11.41
C PHE B 169 -13.93 6.58 -10.93
N GLY B 170 -14.09 5.59 -11.85
CA GLY B 170 -14.46 4.22 -11.44
C GLY B 170 -14.61 3.20 -12.55
N LEU B 189 -15.54 0.61 -0.47
CA LEU B 189 -14.23 0.08 -0.63
C LEU B 189 -13.10 0.99 0.00
N PRO B 190 -12.94 2.26 -0.44
CA PRO B 190 -11.79 3.08 0.05
C PRO B 190 -12.13 3.74 1.34
N ILE B 191 -12.34 2.92 2.36
CA ILE B 191 -12.86 3.31 3.66
C ILE B 191 -12.04 4.37 4.39
N ARG B 192 -10.70 4.35 4.25
CA ARG B 192 -9.84 5.29 4.94
C ARG B 192 -9.98 6.71 4.42
N TRP B 193 -10.55 6.88 3.23
CA TRP B 193 -10.84 8.24 2.69
C TRP B 193 -12.29 8.65 2.90
N MET B 194 -13.14 7.77 3.46
CA MET B 194 -14.58 8.03 3.55
C MET B 194 -15.00 8.57 4.91
N PRO B 195 -16.06 9.35 4.99
CA PRO B 195 -16.61 9.84 6.25
C PRO B 195 -17.52 8.85 6.89
N PRO B 196 -17.88 9.09 8.15
CA PRO B 196 -18.66 8.06 8.86
C PRO B 196 -19.99 7.71 8.15
N GLU B 197 -20.67 8.72 7.56
CA GLU B 197 -22.00 8.45 6.94
C GLU B 197 -21.84 7.59 5.69
N SER B 198 -20.74 7.75 4.98
CA SER B 198 -20.44 6.87 3.86
C SER B 198 -20.11 5.42 4.29
N ILE B 199 -19.32 5.26 5.37
CA ILE B 199 -18.96 3.92 5.86
C ILE B 199 -20.19 3.20 6.45
N LEU B 200 -20.91 3.88 7.32
CA LEU B 200 -22.07 3.28 8.03
C LEU B 200 -23.32 3.12 7.12
N TYR B 201 -23.63 4.15 6.33
CA TYR B 201 -24.88 4.23 5.59
C TYR B 201 -24.71 4.17 4.09
N ARG B 202 -23.51 4.21 3.56
CA ARG B 202 -23.23 4.29 2.14
C ARG B 202 -23.79 5.57 1.51
N LYS B 203 -23.96 6.64 2.28
CA LYS B 203 -24.31 7.98 1.78
C LYS B 203 -23.11 8.65 1.15
N PHE B 204 -23.10 8.80 -0.18
CA PHE B 204 -22.06 9.54 -0.89
C PHE B 204 -22.64 10.83 -1.42
N THR B 205 -22.10 11.98 -1.06
CA THR B 205 -22.61 13.28 -1.47
C THR B 205 -21.43 14.15 -1.83
N THR B 206 -21.67 15.41 -2.22
CA THR B 206 -20.58 16.38 -2.43
C THR B 206 -19.85 16.66 -1.13
N GLU B 207 -20.54 16.50 0.01
CA GLU B 207 -19.96 16.65 1.36
C GLU B 207 -19.06 15.50 1.75
N SER B 208 -19.37 14.30 1.28
CA SER B 208 -18.50 13.14 1.52
C SER B 208 -17.26 13.29 0.63
N ASP B 209 -17.39 13.93 -0.53
CA ASP B 209 -16.20 14.20 -1.34
C ASP B 209 -15.31 15.25 -0.69
N VAL B 210 -15.92 16.24 -0.04
CA VAL B 210 -15.14 17.26 0.69
C VAL B 210 -14.29 16.57 1.81
N TRP B 211 -14.91 15.64 2.55
CA TRP B 211 -14.22 14.88 3.55
C TRP B 211 -12.98 14.19 2.93
N SER B 212 -13.18 13.43 1.84
CA SER B 212 -12.11 12.82 1.14
C SER B 212 -11.05 13.84 0.71
N PHE B 213 -11.45 15.03 0.26
CA PHE B 213 -10.51 16.01 -0.11
C PHE B 213 -9.65 16.41 1.11
N GLY B 214 -10.26 16.51 2.30
CA GLY B 214 -9.46 16.72 3.57
C GLY B 214 -8.38 15.62 3.72
N VAL B 215 -8.74 14.37 3.49
CA VAL B 215 -7.83 13.31 3.53
C VAL B 215 -6.76 13.46 2.45
N VAL B 216 -7.12 13.91 1.25
CA VAL B 216 -6.16 14.16 0.19
C VAL B 216 -5.16 15.21 0.61
N LEU B 217 -5.61 16.19 1.39
CA LEU B 217 -4.71 17.23 1.89
C LEU B 217 -3.65 16.63 2.82
N TRP B 218 -4.10 15.66 3.63
CA TRP B 218 -3.27 14.93 4.56
C TRP B 218 -2.25 14.10 3.82
N GLU B 219 -2.66 13.37 2.79
CA GLU B 219 -1.77 12.63 1.96
C GLU B 219 -0.71 13.53 1.35
N ILE B 220 -1.11 14.67 0.80
CA ILE B 220 -0.16 15.59 0.20
C ILE B 220 0.89 16.03 1.24
N PHE B 221 0.41 16.38 2.43
CA PHE B 221 1.28 16.97 3.45
C PHE B 221 2.03 15.93 4.33
N THR B 222 1.82 14.64 4.09
CA THR B 222 2.60 13.55 4.61
C THR B 222 3.45 12.89 3.52
N TYR B 223 3.60 13.51 2.35
CA TYR B 223 4.22 12.89 1.15
C TYR B 223 3.71 11.49 0.79
N GLY B 224 2.39 11.32 0.92
CA GLY B 224 1.68 10.14 0.40
C GLY B 224 1.57 8.97 1.32
N LYS B 225 1.58 9.19 2.63
CA LYS B 225 1.24 8.11 3.56
C LYS B 225 -0.25 7.75 3.42
N GLN B 226 -0.58 6.50 3.72
CA GLN B 226 -1.87 5.99 3.87
C GLN B 226 -2.56 6.49 5.13
N PRO B 227 -3.79 6.96 5.01
CA PRO B 227 -4.50 7.36 6.21
C PRO B 227 -4.59 6.11 7.12
N TRP B 228 -4.37 6.35 8.40
CA TRP B 228 -4.35 5.34 9.41
C TRP B 228 -3.43 4.17 9.13
N TYR B 229 -2.26 4.53 8.56
CA TYR B 229 -1.16 3.57 8.27
C TYR B 229 -0.84 2.62 9.42
N GLN B 230 -1.03 3.11 10.63
CA GLN B 230 -0.77 2.35 11.84
C GLN B 230 -1.74 1.17 12.08
N LEU B 231 -2.91 1.23 11.44
CA LEU B 231 -4.10 0.43 11.83
C LEU B 231 -4.58 -0.46 10.67
N SER B 232 -5.17 -1.58 11.07
CA SER B 232 -5.94 -2.45 10.18
C SER B 232 -7.18 -1.70 9.62
N ASN B 233 -7.71 -2.22 8.53
CA ASN B 233 -8.95 -1.71 7.97
C ASN B 233 -10.08 -1.51 9.03
N THR B 234 -10.29 -2.55 9.83
CA THR B 234 -11.29 -2.57 10.92
C THR B 234 -11.03 -1.55 11.99
N GLU B 235 -9.74 -1.37 12.40
CA GLU B 235 -9.39 -0.38 13.39
C GLU B 235 -9.55 1.05 12.90
N ALA B 236 -9.21 1.27 11.64
CA ALA B 236 -9.41 2.55 11.01
C ALA B 236 -10.92 2.93 10.84
N ILE B 237 -11.79 1.98 10.50
CA ILE B 237 -13.23 2.22 10.49
C ILE B 237 -13.68 2.64 11.90
N ASP B 238 -13.16 1.97 12.92
CA ASP B 238 -13.52 2.22 14.31
C ASP B 238 -13.08 3.63 14.72
N CYS B 239 -11.88 4.03 14.35
CA CYS B 239 -11.40 5.39 14.57
C CYS B 239 -12.31 6.45 13.95
N ILE B 240 -12.61 6.23 12.65
CA ILE B 240 -13.33 7.21 11.85
C ILE B 240 -14.73 7.46 12.41
N THR B 241 -15.40 6.33 12.68
CA THR B 241 -16.76 6.31 13.18
C THR B 241 -16.87 6.83 14.64
N GLN B 242 -15.87 6.60 15.47
CA GLN B 242 -15.79 7.16 16.85
C GLN B 242 -15.36 8.61 16.86
N GLY B 243 -15.08 9.19 15.70
CA GLY B 243 -14.69 10.59 15.61
C GLY B 243 -13.25 10.92 15.88
N ARG B 244 -12.30 10.04 15.55
CA ARG B 244 -10.85 10.32 15.80
C ARG B 244 -10.32 11.00 14.54
N GLU B 245 -9.42 11.99 14.70
CA GLU B 245 -8.96 12.81 13.59
C GLU B 245 -7.55 12.38 13.28
N LEU B 246 -7.20 12.23 12.00
CA LEU B 246 -5.85 12.01 11.54
C LEU B 246 -4.91 13.06 12.15
N GLU B 247 -3.71 12.56 12.61
CA GLU B 247 -2.62 13.34 13.15
C GLU B 247 -2.30 14.54 12.25
N ARG B 248 -1.84 15.67 12.82
CA ARG B 248 -1.31 16.78 12.01
C ARG B 248 0.09 16.31 11.47
N PRO B 249 0.29 16.33 10.15
CA PRO B 249 1.64 16.03 9.59
C PRO B 249 2.77 16.97 10.11
N ARG B 250 4.00 16.42 10.19
CA ARG B 250 5.21 17.17 10.63
C ARG B 250 5.44 18.43 9.79
N ALA B 251 5.16 18.31 8.48
CA ALA B 251 5.19 19.45 7.52
C ALA B 251 4.27 20.59 8.05
N CYS B 252 3.04 20.16 8.35
CA CYS B 252 1.83 20.96 8.20
C CYS B 252 1.79 22.25 9.02
N PRO B 253 1.70 23.42 8.34
CA PRO B 253 1.31 24.67 9.02
C PRO B 253 -0.05 24.54 9.72
N PRO B 254 -0.25 25.20 10.88
CA PRO B 254 -1.59 25.13 11.53
C PRO B 254 -2.78 25.56 10.62
N GLU B 255 -2.60 26.52 9.71
CA GLU B 255 -3.67 27.02 8.83
C GLU B 255 -4.08 25.98 7.79
N VAL B 256 -3.14 25.12 7.38
CA VAL B 256 -3.44 24.00 6.50
C VAL B 256 -4.18 22.92 7.30
N TYR B 257 -3.68 22.55 8.47
CA TYR B 257 -4.39 21.56 9.29
C TYR B 257 -5.83 21.98 9.64
N ALA B 258 -6.05 23.30 9.71
CA ALA B 258 -7.36 23.86 9.95
C ALA B 258 -8.36 23.57 8.80
N ILE B 259 -7.87 23.66 7.57
CA ILE B 259 -8.63 23.33 6.39
C ILE B 259 -9.03 21.85 6.40
N MET B 260 -8.11 20.94 6.72
CA MET B 260 -8.46 19.52 6.89
C MET B 260 -9.64 19.34 7.87
N ARG B 261 -9.58 20.00 9.02
CA ARG B 261 -10.59 19.84 10.09
C ARG B 261 -11.91 20.45 9.68
N GLY B 262 -11.82 21.44 8.81
CA GLY B 262 -12.99 22.00 8.09
C GLY B 262 -13.71 20.97 7.26
N CYS B 263 -12.93 20.11 6.59
CA CYS B 263 -13.47 19.01 5.77
C CYS B 263 -14.01 17.80 6.55
N TRP B 264 -13.56 17.67 7.81
CA TRP B 264 -13.78 16.50 8.62
C TRP B 264 -14.80 16.74 9.73
N GLN B 265 -15.72 17.69 9.61
CA GLN B 265 -16.76 17.84 10.61
C GLN B 265 -17.67 16.59 10.60
N ARG B 266 -18.00 16.05 11.78
CA ARG B 266 -18.78 14.81 11.90
C ARG B 266 -20.09 14.92 11.08
N GLU B 267 -20.72 16.09 11.18
CA GLU B 267 -21.96 16.38 10.46
C GLU B 267 -21.64 16.93 9.07
N PRO B 268 -22.23 16.31 8.01
CA PRO B 268 -21.99 16.74 6.64
C PRO B 268 -22.30 18.23 6.35
N GLN B 269 -23.49 18.64 6.78
CA GLN B 269 -23.97 20.05 6.74
C GLN B 269 -22.91 21.05 7.20
N GLN B 270 -22.16 20.69 8.25
CA GLN B 270 -21.17 21.59 8.90
C GLN B 270 -19.80 21.70 8.20
N ARG B 271 -19.56 20.92 7.16
CA ARG B 271 -18.24 20.91 6.48
C ARG B 271 -18.09 22.12 5.59
N HIS B 272 -16.89 22.60 5.39
CA HIS B 272 -16.68 23.73 4.49
C HIS B 272 -17.11 23.27 3.13
N SER B 273 -17.62 24.21 2.34
CA SER B 273 -17.86 23.98 0.92
C SER B 273 -16.50 23.78 0.27
N ILE B 274 -16.44 23.09 -0.85
CA ILE B 274 -15.25 22.97 -1.65
C ILE B 274 -14.80 24.29 -2.31
N LYS B 275 -15.71 25.20 -2.55
CA LYS B 275 -15.40 26.53 -3.12
C LYS B 275 -14.62 27.38 -2.07
N ASP B 276 -15.08 27.35 -0.81
CA ASP B 276 -14.41 27.98 0.32
C ASP B 276 -12.99 27.42 0.47
N VAL B 277 -12.87 26.08 0.40
CA VAL B 277 -11.60 25.33 0.57
C VAL B 277 -10.61 25.71 -0.53
N HIS B 278 -11.08 25.77 -1.77
CA HIS B 278 -10.25 26.19 -2.90
C HIS B 278 -9.77 27.64 -2.72
N ALA B 279 -10.68 28.54 -2.34
CA ALA B 279 -10.37 29.93 -2.03
C ALA B 279 -9.22 30.07 -1.02
N ARG B 280 -9.40 29.48 0.16
CA ARG B 280 -8.39 29.44 1.23
C ARG B 280 -7.05 28.95 0.75
N LEU B 281 -7.04 27.89 -0.06
CA LEU B 281 -5.80 27.25 -0.52
C LEU B 281 -5.08 28.15 -1.49
N GLN B 282 -5.84 28.74 -2.42
CA GLN B 282 -5.28 29.66 -3.41
C GLN B 282 -4.76 30.92 -2.74
N ALA B 283 -5.36 31.30 -1.61
CA ALA B 283 -4.90 32.43 -0.75
C ALA B 283 -3.54 32.14 -0.14
N LEU B 284 -3.38 30.93 0.37
CA LEU B 284 -2.14 30.51 1.00
C LEU B 284 -0.99 30.30 0.02
N ALA B 285 -1.32 29.78 -1.17
CA ALA B 285 -0.33 29.42 -2.21
C ALA B 285 0.53 30.61 -2.63
N GLN B 286 -0.07 31.81 -2.69
CA GLN B 286 0.68 33.08 -2.75
C GLN B 286 1.02 33.52 -1.29
N ALA B 287 2.27 33.94 -1.07
CA ALA B 287 2.89 34.14 0.28
C ALA B 287 2.49 33.04 1.29
N PRO B 288 3.10 31.84 1.17
CA PRO B 288 2.90 30.79 2.19
C PRO B 288 3.45 31.17 3.56
#